data_3TUF
#
_entry.id   3TUF
#
_cell.length_a   78.797
_cell.length_b   111.088
_cell.length_c   136.093
_cell.angle_alpha   90.00
_cell.angle_beta   90.00
_cell.angle_gamma   90.00
#
_symmetry.space_group_name_H-M   'I 2 2 2'
#
loop_
_entity.id
_entity.type
_entity.pdbx_description
1 polymer 'Stage II sporulation protein Q'
2 polymer 'Stage III sporulation protein AH'
3 water water
#
loop_
_entity_poly.entity_id
_entity_poly.type
_entity_poly.pdbx_seq_one_letter_code
_entity_poly.pdbx_strand_id
1 'polypeptide(L)'
;GPAMQSVSNDEVKDQLADNGGNSAYDNNDDAVEVGKSMENVAMPVVDSENVSVVKKFYETDAAKEEKEAALVTYNNTYSL
SKGIDLAEKDGKDFDVSASLSGTVVKAEKDPVLGYVVEVEHADGLSTVYQSLSEVSVEQGDKVKQNQVIGKSGKNLYSED
SGNHVHFEIRKDGVAMNPLNFMDKPVSSIEKAATQETEESIQQSSEKKDGSTEKGTEEKSGEKKDDSTDKSGSKESSTTE
DTEQS
;
B
2 'polypeptide(L)'
;GPAMSPESKNAVQMQSEKSASDSGEVATEKAPAKQDTKEKSGTETEKGKEDGTKGTKDSSADKETSAEASEKGTVVTETA
DDDLFTTYRLDLEDARSKEREELNAIVSSDDATAKEKSEAYDKMTALSEVEGTEKQLETLIKTQGYEDALVNAEGDKINI
TVKSDKHSKSKATAIIDLVAKEIKTMKDVAVTFEPSK
;
A
#
# COMPACT_ATOMS: atom_id res chain seq x y z
N SER A 37 -19.70 4.35 12.94
CA SER A 37 -21.07 4.12 12.54
C SER A 37 -21.92 5.35 12.81
N MET A 38 -23.00 5.49 12.06
CA MET A 38 -23.88 6.63 12.24
C MET A 38 -23.25 7.94 11.82
N GLU A 39 -21.96 7.96 11.55
CA GLU A 39 -21.36 9.21 11.11
C GLU A 39 -20.82 9.17 9.71
N ASN A 40 -20.57 10.33 9.15
CA ASN A 40 -20.09 10.46 7.80
C ASN A 40 -18.60 10.62 7.76
N VAL A 41 -17.99 10.19 6.69
CA VAL A 41 -16.54 10.21 6.57
C VAL A 41 -16.10 11.62 6.32
N ALA A 42 -15.22 12.17 7.15
CA ALA A 42 -14.85 13.58 6.97
C ALA A 42 -13.44 13.76 6.39
N MET A 43 -13.23 14.83 5.63
CA MET A 43 -11.88 15.28 5.29
C MET A 43 -11.04 15.30 6.56
N PRO A 44 -9.82 14.78 6.51
CA PRO A 44 -9.03 14.62 7.75
C PRO A 44 -8.28 15.91 8.18
N VAL A 45 -8.98 17.04 8.09
CA VAL A 45 -8.34 18.37 8.24
C VAL A 45 -9.31 19.25 9.02
N VAL A 46 -8.86 20.35 9.61
CA VAL A 46 -9.80 21.21 10.30
C VAL A 46 -10.25 22.32 9.33
N ASP A 47 -9.30 22.94 8.69
CA ASP A 47 -9.62 23.92 7.71
C ASP A 47 -9.65 23.27 6.34
N SER A 48 -10.69 22.46 6.04
CA SER A 48 -10.79 21.75 4.72
C SER A 48 -10.82 22.65 3.51
N GLU A 49 -11.24 23.88 3.65
CA GLU A 49 -11.26 24.75 2.49
C GLU A 49 -9.91 25.23 2.05
N ASN A 50 -8.92 25.30 2.92
CA ASN A 50 -7.61 25.84 2.52
C ASN A 50 -6.58 24.79 2.06
N VAL A 51 -7.03 23.54 1.93
CA VAL A 51 -6.17 22.53 1.29
C VAL A 51 -6.76 21.95 0.04
N SER A 52 -5.87 21.40 -0.79
CA SER A 52 -6.28 20.63 -1.96
C SER A 52 -5.62 19.23 -1.97
N VAL A 53 -6.25 18.27 -2.63
CA VAL A 53 -5.66 16.96 -2.89
C VAL A 53 -4.50 17.13 -3.88
N VAL A 54 -3.27 16.83 -3.48
CA VAL A 54 -2.14 16.89 -4.45
C VAL A 54 -1.68 15.52 -4.97
N LYS A 55 -2.24 14.47 -4.39
CA LYS A 55 -2.12 13.16 -4.98
C LYS A 55 -3.29 12.28 -4.58
N LYS A 56 -3.73 11.53 -5.61
CA LYS A 56 -4.91 10.65 -5.56
C LYS A 56 -4.50 9.19 -5.39
N PHE A 57 -5.49 8.37 -5.00
CA PHE A 57 -5.34 6.96 -4.79
C PHE A 57 -5.22 6.33 -6.21
N TYR A 58 -4.28 5.42 -6.39
CA TYR A 58 -4.07 4.81 -7.71
C TYR A 58 -5.28 3.99 -8.18
N GLU A 59 -5.77 4.30 -9.38
CA GLU A 59 -6.87 3.54 -9.96
C GLU A 59 -6.40 2.92 -11.30
N THR A 60 -6.53 1.61 -11.44
CA THR A 60 -5.93 0.91 -12.58
C THR A 60 -6.57 1.26 -13.95
N ASP A 61 -7.82 1.71 -13.90
CA ASP A 61 -8.57 2.04 -15.11
C ASP A 61 -8.59 3.53 -15.44
N ALA A 62 -7.71 4.32 -14.83
CA ALA A 62 -7.66 5.76 -15.09
C ALA A 62 -6.76 5.97 -16.28
N ALA A 63 -6.81 7.15 -16.88
CA ALA A 63 -5.91 7.43 -18.03
C ALA A 63 -4.47 7.32 -17.56
N LYS A 64 -3.58 7.10 -18.52
CA LYS A 64 -2.16 7.00 -18.32
C LYS A 64 -1.58 8.10 -17.41
N GLU A 65 -1.90 9.33 -17.76
CA GLU A 65 -1.53 10.53 -17.01
C GLU A 65 -1.93 10.49 -15.55
N GLU A 66 -3.14 10.04 -15.28
CA GLU A 66 -3.62 9.98 -13.91
C GLU A 66 -3.00 8.85 -13.14
N LYS A 67 -2.69 7.74 -13.82
CA LYS A 67 -1.93 6.66 -13.18
C LYS A 67 -0.53 7.14 -12.85
N GLU A 68 0.10 7.85 -13.79
CA GLU A 68 1.44 8.35 -13.59
C GLU A 68 1.51 9.32 -12.39
N ALA A 69 0.47 10.10 -12.25
CA ALA A 69 0.45 11.07 -11.22
C ALA A 69 -0.01 10.43 -9.92
N ALA A 70 -0.55 9.20 -9.92
CA ALA A 70 -0.90 8.53 -8.61
C ALA A 70 0.22 7.58 -8.13
N LEU A 71 1.45 7.90 -8.55
CA LEU A 71 2.58 7.08 -8.14
C LEU A 71 3.34 7.73 -7.01
N VAL A 72 3.72 6.89 -6.05
CA VAL A 72 4.67 7.32 -5.03
C VAL A 72 6.10 7.08 -5.51
N THR A 73 6.90 8.13 -5.63
CA THR A 73 8.27 8.02 -6.02
C THR A 73 9.24 8.21 -4.87
N TYR A 74 10.05 7.21 -4.67
CA TYR A 74 11.10 7.24 -3.69
C TYR A 74 12.47 7.55 -4.23
N ASN A 75 13.17 6.60 -4.82
CA ASN A 75 14.48 6.93 -5.34
C ASN A 75 14.41 6.50 -6.80
N ASN A 76 14.71 5.24 -7.05
CA ASN A 76 14.32 4.62 -8.32
C ASN A 76 13.36 3.53 -8.01
N THR A 77 12.60 3.79 -6.94
CA THR A 77 11.47 2.97 -6.61
C THR A 77 10.19 3.79 -6.84
N TYR A 78 9.21 3.16 -7.54
CA TYR A 78 7.85 3.66 -7.62
C TYR A 78 6.86 2.72 -6.93
N SER A 79 5.85 3.26 -6.28
CA SER A 79 4.95 2.41 -5.57
C SER A 79 3.57 3.03 -5.87
N LEU A 80 2.48 2.30 -5.59
CA LEU A 80 1.12 2.75 -5.99
C LEU A 80 0.65 3.69 -4.89
N SER A 81 -0.10 4.77 -5.17
CA SER A 81 -0.56 5.58 -4.01
C SER A 81 -1.77 4.89 -3.29
N LYS A 82 -1.76 4.63 -1.98
CA LYS A 82 -2.88 3.87 -1.34
C LYS A 82 -3.84 4.77 -0.56
N GLY A 83 -3.69 6.06 -0.94
CA GLY A 83 -4.51 7.13 -0.36
C GLY A 83 -4.39 8.48 -1.06
N ILE A 84 -4.91 9.52 -0.40
CA ILE A 84 -4.75 10.86 -0.94
C ILE A 84 -3.73 11.62 -0.11
N ASP A 85 -3.08 12.58 -0.78
CA ASP A 85 -2.21 13.55 -0.15
C ASP A 85 -2.86 14.91 -0.23
N LEU A 86 -2.96 15.56 0.92
CA LEU A 86 -3.56 16.90 1.01
C LEU A 86 -2.46 17.89 1.33
N ALA A 87 -2.42 19.02 0.63
CA ALA A 87 -1.47 20.12 1.00
C ALA A 87 -2.18 21.47 0.84
N GLU A 88 -1.71 22.48 1.60
CA GLU A 88 -2.23 23.84 1.64
C GLU A 88 -1.63 24.60 0.44
N LYS A 89 -2.36 25.61 -0.10
CA LYS A 89 -1.86 26.33 -1.28
C LYS A 89 -0.34 26.60 -1.20
N ASP A 90 0.15 27.21 -0.14
CA ASP A 90 1.57 27.57 -0.11
C ASP A 90 2.43 26.57 0.64
N GLY A 91 1.89 25.37 0.87
CA GLY A 91 2.57 24.27 1.60
C GLY A 91 2.97 24.66 3.01
N LYS A 92 2.12 25.46 3.68
CA LYS A 92 2.29 25.77 5.10
C LYS A 92 1.69 24.61 5.92
N ASP A 93 2.17 24.50 7.16
CA ASP A 93 1.73 23.50 8.10
C ASP A 93 0.24 23.61 8.31
N PHE A 94 -0.43 22.51 8.61
CA PHE A 94 -1.82 22.65 8.96
C PHE A 94 -2.22 21.48 9.81
N ASP A 95 -3.36 21.58 10.46
CA ASP A 95 -3.65 20.62 11.51
C ASP A 95 -4.43 19.55 10.87
N VAL A 96 -4.05 18.31 11.17
CA VAL A 96 -4.79 17.15 10.73
C VAL A 96 -5.72 16.64 11.82
N SER A 97 -6.89 16.12 11.46
CA SER A 97 -7.83 15.65 12.47
C SER A 97 -8.54 14.40 12.08
N ALA A 98 -9.09 13.73 13.06
CA ALA A 98 -9.63 12.42 12.84
C ALA A 98 -10.85 12.54 11.93
N SER A 99 -10.79 11.76 10.86
CA SER A 99 -11.84 11.66 9.88
C SER A 99 -13.07 10.98 10.45
N LEU A 100 -12.88 10.07 11.40
CA LEU A 100 -13.98 9.44 12.11
C LEU A 100 -13.51 9.16 13.54
N SER A 101 -14.47 8.90 14.43
CA SER A 101 -14.15 8.54 15.80
C SER A 101 -13.58 7.10 15.94
N GLY A 102 -12.68 6.89 16.88
CA GLY A 102 -12.13 5.57 17.06
C GLY A 102 -11.08 5.56 18.09
N THR A 103 -10.22 4.54 18.02
CA THR A 103 -9.17 4.37 19.01
C THR A 103 -7.86 4.35 18.29
N VAL A 104 -6.91 5.14 18.79
CA VAL A 104 -5.60 5.24 18.18
C VAL A 104 -4.89 3.95 18.42
N VAL A 105 -4.61 3.19 17.36
CA VAL A 105 -3.91 1.96 17.59
C VAL A 105 -2.46 2.12 17.25
N LYS A 106 -2.08 3.23 16.64
CA LYS A 106 -0.68 3.40 16.30
C LYS A 106 -0.29 4.86 16.25
N ALA A 107 0.84 5.18 16.85
CA ALA A 107 1.33 6.57 16.80
C ALA A 107 2.83 6.61 16.95
N GLU A 108 3.58 6.70 15.84
CA GLU A 108 5.05 6.67 15.97
C GLU A 108 5.77 7.35 14.86
N LYS A 109 6.98 7.77 15.17
CA LYS A 109 7.77 8.56 14.23
C LYS A 109 8.45 7.49 13.46
N ASP A 110 8.42 7.57 12.14
CA ASP A 110 9.12 6.63 11.28
C ASP A 110 10.15 7.48 10.52
N PRO A 111 11.38 6.99 10.38
CA PRO A 111 12.35 7.93 9.73
C PRO A 111 12.08 8.18 8.25
N VAL A 112 11.34 7.28 7.61
CA VAL A 112 10.98 7.48 6.21
C VAL A 112 9.59 8.09 6.04
N LEU A 113 8.63 7.57 6.79
CA LEU A 113 7.23 8.02 6.72
C LEU A 113 6.86 9.32 7.51
N GLY A 114 7.73 9.81 8.39
CA GLY A 114 7.35 10.86 9.39
C GLY A 114 6.53 10.20 10.51
N TYR A 115 5.82 10.98 11.28
CA TYR A 115 4.84 10.35 12.18
C TYR A 115 3.72 9.60 11.49
N VAL A 116 3.26 8.51 12.09
CA VAL A 116 2.23 7.73 11.43
C VAL A 116 1.26 7.49 12.52
N VAL A 117 -0.02 7.80 12.26
CA VAL A 117 -1.08 7.51 13.21
C VAL A 117 -2.13 6.66 12.51
N GLU A 118 -2.68 5.71 13.24
CA GLU A 118 -3.65 4.85 12.66
C GLU A 118 -4.77 4.75 13.64
N VAL A 119 -5.98 5.02 13.18
CA VAL A 119 -7.13 5.04 14.10
C VAL A 119 -8.06 3.92 13.68
N GLU A 120 -8.37 3.09 14.67
CA GLU A 120 -9.30 1.99 14.56
C GLU A 120 -10.73 2.49 14.70
N HIS A 121 -11.61 2.13 13.77
CA HIS A 121 -13.04 2.45 13.91
C HIS A 121 -13.84 1.17 14.03
N ALA A 122 -15.14 1.23 13.75
CA ALA A 122 -15.96 0.03 13.82
C ALA A 122 -15.75 -0.85 12.57
N ASP A 123 -15.86 -2.17 12.74
CA ASP A 123 -15.96 -3.14 11.61
C ASP A 123 -14.73 -3.28 10.72
N GLY A 124 -13.57 -3.60 11.29
CA GLY A 124 -12.33 -3.73 10.50
C GLY A 124 -11.99 -2.50 9.67
N LEU A 125 -12.76 -1.44 9.81
CA LEU A 125 -12.44 -0.14 9.20
C LEU A 125 -11.35 0.59 10.02
N SER A 126 -10.55 1.41 9.35
CA SER A 126 -9.56 2.16 10.09
C SER A 126 -8.94 3.20 9.16
N THR A 127 -8.36 4.25 9.74
CA THR A 127 -7.77 5.31 8.92
C THR A 127 -6.34 5.57 9.27
N VAL A 128 -5.60 6.08 8.31
CA VAL A 128 -4.13 6.22 8.45
C VAL A 128 -3.73 7.63 8.06
N TYR A 129 -2.95 8.22 8.94
CA TYR A 129 -2.48 9.58 8.73
C TYR A 129 -1.02 9.48 8.91
N GLN A 130 -0.28 10.06 7.99
CA GLN A 130 1.12 9.74 7.87
C GLN A 130 1.76 10.92 7.19
N SER A 131 3.08 11.07 7.27
CA SER A 131 3.79 12.37 6.93
C SER A 131 3.66 13.55 7.94
N LEU A 132 3.02 13.27 9.10
CA LEU A 132 2.90 14.21 10.22
C LEU A 132 4.30 14.65 10.76
N SER A 133 4.36 15.96 11.11
CA SER A 133 5.46 16.67 11.76
C SER A 133 5.35 16.45 13.24
N GLU A 134 4.10 16.40 13.71
CA GLU A 134 3.79 16.34 15.15
C GLU A 134 2.62 15.47 15.35
N VAL A 135 2.47 15.02 16.59
CA VAL A 135 1.36 14.16 16.95
C VAL A 135 0.77 14.73 18.22
N SER A 136 -0.55 14.63 18.34
CA SER A 136 -1.24 15.18 19.48
C SER A 136 -1.95 14.00 20.16
N VAL A 137 -1.61 12.76 19.75
CA VAL A 137 -2.21 11.54 20.32
C VAL A 137 -1.14 10.50 20.64
N GLU A 138 -1.55 9.44 21.33
CA GLU A 138 -0.66 8.30 21.54
C GLU A 138 -1.48 6.99 21.55
N GLN A 139 -0.82 5.87 21.28
CA GLN A 139 -1.50 4.58 21.29
C GLN A 139 -2.52 4.46 22.47
N GLY A 140 -3.74 4.00 22.18
CA GLY A 140 -4.77 3.86 23.23
C GLY A 140 -5.68 5.08 23.39
N ASP A 141 -5.25 6.27 22.93
CA ASP A 141 -6.14 7.44 22.95
C ASP A 141 -7.44 7.11 22.16
N LYS A 142 -8.60 7.42 22.75
CA LYS A 142 -9.88 7.42 22.03
C LYS A 142 -9.96 8.78 21.40
N VAL A 143 -10.18 8.92 20.09
CA VAL A 143 -10.43 10.27 19.53
C VAL A 143 -11.84 10.38 18.99
N LYS A 144 -12.30 11.62 18.87
CA LYS A 144 -13.58 11.92 18.26
C LYS A 144 -13.34 12.55 16.86
N GLN A 145 -14.34 12.41 15.98
CA GLN A 145 -14.33 12.96 14.65
C GLN A 145 -13.98 14.45 14.69
N ASN A 146 -13.03 14.92 13.88
CA ASN A 146 -12.55 16.33 13.85
C ASN A 146 -11.62 16.76 14.96
N GLN A 147 -11.30 15.79 15.81
CA GLN A 147 -10.35 16.04 16.84
C GLN A 147 -8.97 16.02 16.24
N VAL A 148 -8.25 17.12 16.43
CA VAL A 148 -6.92 17.25 15.84
C VAL A 148 -6.05 16.15 16.39
N ILE A 149 -5.28 15.53 15.51
CA ILE A 149 -4.41 14.47 15.94
C ILE A 149 -2.99 14.67 15.50
N GLY A 150 -2.71 15.70 14.73
CA GLY A 150 -1.30 15.96 14.40
C GLY A 150 -1.12 17.16 13.52
N LYS A 151 0.08 17.34 12.96
CA LYS A 151 0.34 18.46 12.01
C LYS A 151 0.93 17.91 10.71
N SER A 152 0.55 18.52 9.58
CA SER A 152 1.17 18.15 8.35
C SER A 152 2.71 18.26 8.45
N GLY A 153 3.40 17.51 7.59
CA GLY A 153 4.83 17.68 7.43
C GLY A 153 5.35 17.09 6.14
N LYS A 154 6.61 17.37 5.85
CA LYS A 154 7.29 16.71 4.74
C LYS A 154 7.89 15.38 5.21
N ASN A 155 8.32 14.59 4.21
CA ASN A 155 8.55 13.18 4.27
C ASN A 155 9.69 12.76 3.45
N LEU A 156 10.28 11.64 3.79
CA LEU A 156 11.24 11.03 2.84
C LEU A 156 10.51 10.28 1.72
N TYR A 157 9.48 9.54 2.12
CA TYR A 157 8.70 8.68 1.25
C TYR A 157 8.16 9.37 -0.04
N SER A 158 7.36 10.42 0.13
CA SER A 158 6.92 11.15 -1.02
C SER A 158 7.41 12.58 -0.93
N GLU A 159 8.65 12.87 -1.33
CA GLU A 159 9.11 14.27 -1.16
C GLU A 159 8.32 15.15 -2.09
N ASP A 160 7.81 14.54 -3.16
CA ASP A 160 7.04 15.23 -4.21
C ASP A 160 5.70 15.88 -3.78
N SER A 161 5.12 15.43 -2.67
CA SER A 161 3.88 15.98 -2.17
C SER A 161 4.16 17.08 -1.12
N GLY A 162 5.39 17.62 -1.16
CA GLY A 162 5.88 18.58 -0.16
C GLY A 162 5.34 18.40 1.25
N ASN A 163 4.92 19.53 1.80
CA ASN A 163 4.42 19.54 3.16
C ASN A 163 2.97 19.09 3.10
N HIS A 164 2.64 17.94 3.66
CA HIS A 164 1.29 17.35 3.45
C HIS A 164 0.81 16.39 4.51
N VAL A 165 -0.40 15.86 4.36
CA VAL A 165 -0.70 14.63 5.09
C VAL A 165 -1.08 13.53 4.08
N HIS A 166 -0.57 12.31 4.24
CA HIS A 166 -1.08 11.19 3.49
C HIS A 166 -2.22 10.54 4.28
N PHE A 167 -3.37 10.32 3.64
CA PHE A 167 -4.50 9.80 4.35
C PHE A 167 -5.09 8.55 3.67
N GLU A 168 -5.44 7.55 4.46
CA GLU A 168 -5.91 6.30 3.93
C GLU A 168 -7.10 5.80 4.74
N ILE A 169 -8.01 5.08 4.05
CA ILE A 169 -9.13 4.39 4.73
C ILE A 169 -8.87 3.02 4.28
N ARG A 170 -8.95 2.08 5.23
CA ARG A 170 -8.72 0.66 4.99
C ARG A 170 -9.86 -0.11 5.61
N LYS A 171 -10.28 -1.18 4.93
CA LYS A 171 -11.27 -2.10 5.47
C LYS A 171 -10.60 -3.46 5.55
N ASP A 172 -10.63 -4.00 6.75
CA ASP A 172 -9.84 -5.18 7.11
C ASP A 172 -8.46 -5.15 6.49
N GLY A 173 -7.77 -4.02 6.63
CA GLY A 173 -6.39 -3.90 6.15
C GLY A 173 -6.20 -3.40 4.72
N VAL A 174 -7.22 -3.52 3.86
CA VAL A 174 -7.02 -3.08 2.48
C VAL A 174 -7.56 -1.67 2.17
N ALA A 175 -6.63 -0.90 1.59
CA ALA A 175 -6.77 0.49 1.24
C ALA A 175 -7.77 0.69 0.12
N MET A 176 -8.71 1.62 0.30
CA MET A 176 -9.67 1.95 -0.76
C MET A 176 -9.55 3.41 -1.07
N ASN A 177 -10.11 3.82 -2.18
CA ASN A 177 -10.01 5.22 -2.54
C ASN A 177 -10.72 6.17 -1.54
N PRO A 178 -9.94 7.04 -0.83
CA PRO A 178 -10.67 7.95 0.06
C PRO A 178 -11.81 8.74 -0.61
N LEU A 179 -11.52 9.39 -1.73
CA LEU A 179 -12.48 10.22 -2.43
C LEU A 179 -13.81 9.52 -2.64
N ASN A 180 -13.80 8.19 -2.62
CA ASN A 180 -15.07 7.49 -2.86
C ASN A 180 -15.98 7.57 -1.71
N PHE A 181 -15.38 7.85 -0.56
CA PHE A 181 -16.14 7.75 0.68
C PHE A 181 -16.42 9.07 1.40
N MET A 182 -15.75 10.14 0.96
CA MET A 182 -15.91 11.48 1.53
C MET A 182 -17.37 11.79 1.67
N ASP A 183 -17.74 12.22 2.88
CA ASP A 183 -19.08 12.64 3.27
C ASP A 183 -20.15 11.59 3.16
N LYS A 184 -19.79 10.36 2.88
CA LYS A 184 -20.80 9.32 2.81
C LYS A 184 -20.90 8.71 4.19
N PRO A 185 -22.10 8.28 4.62
CA PRO A 185 -22.30 7.55 5.87
C PRO A 185 -21.29 6.43 5.99
N VAL A 186 -21.03 6.01 7.22
CA VAL A 186 -20.01 5.02 7.50
C VAL A 186 -20.24 3.73 6.67
N SER A 187 -21.52 3.41 6.42
CA SER A 187 -22.00 2.12 5.83
C SER A 187 -21.67 1.88 4.36
N SER A 188 -21.80 2.94 3.55
CA SER A 188 -21.47 2.93 2.09
C SER A 188 -20.09 2.36 1.74
N ILE A 189 -19.29 2.15 2.78
CA ILE A 189 -17.91 1.64 2.71
C ILE A 189 -17.85 0.11 2.86
N GLU A 190 -18.59 -0.34 3.87
CA GLU A 190 -18.77 -1.73 4.18
C GLU A 190 -19.78 -2.43 3.20
N LYS A 191 -20.19 -1.71 2.15
CA LYS A 191 -21.02 -2.29 1.07
C LYS A 191 -20.27 -2.39 -0.30
N ALA A 192 -18.93 -2.40 -0.23
CA ALA A 192 -18.00 -2.87 -1.31
C ALA A 192 -16.97 -3.81 -0.59
N ALA A 193 -16.53 -4.96 -1.14
CA ALA A 193 -16.84 -5.58 -2.47
C ALA A 193 -18.28 -6.19 -2.58
N THR A 194 -18.64 -6.50 -3.85
CA THR A 194 -20.03 -6.87 -4.29
C THR A 194 -20.12 -7.57 -5.69
N ASP B 82 30.03 -10.80 -6.86
CA ASP B 82 28.61 -10.38 -6.58
C ASP B 82 27.64 -10.06 -7.81
N ASP B 83 26.49 -10.74 -7.87
CA ASP B 83 25.36 -10.41 -8.76
C ASP B 83 24.06 -10.63 -7.98
N LEU B 84 23.36 -9.53 -7.66
CA LEU B 84 22.21 -9.55 -6.73
C LEU B 84 20.99 -10.37 -7.21
N PHE B 85 20.74 -10.37 -8.53
CA PHE B 85 19.65 -11.15 -9.12
C PHE B 85 19.79 -12.65 -8.90
N THR B 86 20.91 -13.21 -9.37
CA THR B 86 21.14 -14.64 -9.16
C THR B 86 21.16 -14.97 -7.65
N THR B 87 21.74 -14.13 -6.80
CA THR B 87 21.70 -14.51 -5.39
C THR B 87 20.26 -14.60 -4.86
N TYR B 88 19.49 -13.56 -5.13
CA TYR B 88 18.10 -13.51 -4.72
C TYR B 88 17.28 -14.72 -5.25
N ARG B 89 17.33 -14.97 -6.56
CA ARG B 89 16.57 -16.08 -7.11
C ARG B 89 16.93 -17.37 -6.35
N LEU B 90 18.24 -17.62 -6.27
CA LEU B 90 18.70 -18.75 -5.46
C LEU B 90 18.13 -18.80 -4.03
N ASP B 91 18.27 -17.69 -3.28
CA ASP B 91 17.76 -17.69 -1.92
C ASP B 91 16.23 -17.85 -1.86
N LEU B 92 15.54 -17.15 -2.77
CA LEU B 92 14.10 -17.32 -2.87
C LEU B 92 13.71 -18.80 -3.08
N GLU B 93 14.29 -19.42 -4.09
CA GLU B 93 14.06 -20.83 -4.36
C GLU B 93 14.25 -21.63 -3.08
N ASP B 94 15.49 -21.70 -2.60
CA ASP B 94 15.78 -22.35 -1.30
C ASP B 94 14.61 -22.21 -0.32
N ALA B 95 14.29 -20.94 -0.03
CA ALA B 95 13.21 -20.60 0.89
C ALA B 95 11.87 -21.24 0.44
N ARG B 96 11.48 -21.02 -0.81
CA ARG B 96 10.24 -21.63 -1.33
C ARG B 96 10.20 -23.14 -1.11
N SER B 97 11.32 -23.82 -1.37
CA SER B 97 11.43 -25.28 -1.25
C SER B 97 11.06 -25.75 0.11
N LYS B 98 11.74 -25.12 1.09
CA LYS B 98 11.54 -25.36 2.48
C LYS B 98 10.10 -25.16 2.76
N GLU B 99 9.57 -24.00 2.34
CA GLU B 99 8.14 -23.76 2.46
C GLU B 99 7.26 -24.94 2.01
N ARG B 100 7.39 -25.36 0.74
CA ARG B 100 6.54 -26.42 0.18
C ARG B 100 6.65 -27.66 1.02
N GLU B 101 7.89 -27.97 1.39
CA GLU B 101 8.15 -29.15 2.18
C GLU B 101 7.37 -29.16 3.52
N GLU B 102 7.28 -27.99 4.15
CA GLU B 102 6.61 -27.89 5.41
C GLU B 102 5.11 -27.97 5.24
N LEU B 103 4.58 -27.19 4.30
CA LEU B 103 3.18 -27.34 3.93
C LEU B 103 2.87 -28.83 3.66
N ASN B 104 3.63 -29.44 2.77
CA ASN B 104 3.35 -30.81 2.47
C ASN B 104 3.42 -31.69 3.71
N ALA B 105 4.31 -31.33 4.63
CA ALA B 105 4.54 -32.16 5.79
C ALA B 105 3.32 -32.17 6.72
N ILE B 106 2.74 -31.00 6.94
CA ILE B 106 1.52 -30.80 7.72
C ILE B 106 0.33 -31.54 7.11
N VAL B 107 0.12 -31.28 5.82
CA VAL B 107 -0.98 -31.88 5.07
C VAL B 107 -0.89 -33.38 5.17
N SER B 108 0.32 -33.91 5.13
CA SER B 108 0.51 -35.34 5.11
C SER B 108 0.53 -35.96 6.51
N SER B 109 0.31 -35.18 7.56
CA SER B 109 0.62 -35.70 8.88
C SER B 109 -0.60 -36.19 9.69
N ASP B 110 -0.46 -37.33 10.37
CA ASP B 110 -1.57 -37.93 11.15
C ASP B 110 -2.00 -37.09 12.32
N ASP B 111 -1.13 -36.16 12.66
CA ASP B 111 -1.28 -35.32 13.85
C ASP B 111 -1.82 -33.94 13.57
N ALA B 112 -2.04 -33.60 12.29
CA ALA B 112 -2.69 -32.33 11.92
C ALA B 112 -4.19 -32.48 12.01
N THR B 113 -4.90 -31.41 12.36
CA THR B 113 -6.34 -31.45 12.34
C THR B 113 -6.77 -31.15 10.94
N ALA B 114 -8.06 -31.43 10.67
CA ALA B 114 -8.68 -31.10 9.41
C ALA B 114 -8.46 -29.63 9.06
N LYS B 115 -8.67 -28.75 10.05
CA LYS B 115 -8.49 -27.32 9.84
C LYS B 115 -7.08 -27.02 9.35
N GLU B 116 -6.11 -27.55 10.10
CA GLU B 116 -4.72 -27.33 9.79
C GLU B 116 -4.34 -27.88 8.41
N LYS B 117 -4.73 -29.12 8.10
CA LYS B 117 -4.48 -29.65 6.76
C LYS B 117 -5.07 -28.71 5.70
N SER B 118 -6.30 -28.32 5.93
CA SER B 118 -7.03 -27.49 4.99
C SER B 118 -6.33 -26.17 4.69
N GLU B 119 -5.84 -25.52 5.74
CA GLU B 119 -5.13 -24.26 5.61
C GLU B 119 -3.74 -24.39 5.02
N ALA B 120 -3.00 -25.40 5.47
CA ALA B 120 -1.73 -25.72 4.82
C ALA B 120 -1.97 -26.01 3.33
N TYR B 121 -2.99 -26.78 3.04
CA TYR B 121 -3.30 -27.02 1.63
C TYR B 121 -3.57 -25.73 0.80
N ASP B 122 -4.34 -24.81 1.37
CA ASP B 122 -4.56 -23.52 0.71
C ASP B 122 -3.33 -22.69 0.52
N LYS B 123 -2.48 -22.63 1.56
CA LYS B 123 -1.20 -21.92 1.48
C LYS B 123 -0.37 -22.54 0.34
N MET B 124 -0.45 -23.86 0.22
CA MET B 124 0.30 -24.60 -0.79
C MET B 124 -0.19 -24.19 -2.21
N THR B 125 -1.49 -24.37 -2.46
CA THR B 125 -1.96 -24.01 -3.77
C THR B 125 -1.77 -22.49 -4.12
N ALA B 126 -1.86 -21.60 -3.11
CA ALA B 126 -1.66 -20.17 -3.37
C ALA B 126 -0.23 -19.89 -3.75
N LEU B 127 0.66 -20.59 -3.07
CA LEU B 127 2.06 -20.42 -3.34
C LEU B 127 2.36 -20.71 -4.81
N SER B 128 1.83 -21.82 -5.34
CA SER B 128 1.93 -22.13 -6.77
C SER B 128 1.49 -21.04 -7.67
N GLU B 129 0.38 -20.44 -7.26
CA GLU B 129 -0.17 -19.41 -8.06
C GLU B 129 0.69 -18.16 -8.03
N VAL B 130 1.20 -17.83 -6.82
CA VAL B 130 2.24 -16.84 -6.65
C VAL B 130 3.43 -17.19 -7.55
N GLU B 131 3.92 -18.43 -7.45
CA GLU B 131 5.01 -18.89 -8.34
C GLU B 131 4.70 -18.57 -9.80
N GLY B 132 3.49 -18.97 -10.24
CA GLY B 132 3.07 -18.77 -11.63
C GLY B 132 3.00 -17.31 -12.03
N THR B 133 2.44 -16.50 -11.11
CA THR B 133 2.32 -15.06 -11.27
C THR B 133 3.68 -14.42 -11.47
N GLU B 134 4.65 -14.76 -10.63
CA GLU B 134 5.97 -14.17 -10.79
C GLU B 134 6.68 -14.52 -12.10
N LYS B 135 6.67 -15.82 -12.47
CA LYS B 135 7.27 -16.29 -13.74
C LYS B 135 6.58 -15.55 -14.90
N GLN B 136 5.25 -15.55 -14.93
CA GLN B 136 4.62 -14.91 -16.08
C GLN B 136 4.92 -13.36 -16.16
N LEU B 137 4.90 -12.73 -14.99
CA LEU B 137 5.07 -11.30 -14.96
C LEU B 137 6.46 -10.97 -15.53
N GLU B 138 7.43 -11.74 -15.07
CA GLU B 138 8.83 -11.62 -15.47
C GLU B 138 9.00 -11.80 -16.96
N THR B 139 8.41 -12.88 -17.47
CA THR B 139 8.40 -13.09 -18.92
C THR B 139 7.79 -11.88 -19.66
N LEU B 140 6.61 -11.41 -19.23
CA LEU B 140 5.97 -10.26 -19.89
C LEU B 140 6.89 -9.04 -19.94
N ILE B 141 7.50 -8.68 -18.81
CA ILE B 141 8.32 -7.48 -18.72
C ILE B 141 9.45 -7.57 -19.69
N LYS B 142 10.03 -8.77 -19.72
CA LYS B 142 11.20 -9.00 -20.53
C LYS B 142 10.79 -8.72 -21.95
N THR B 143 9.60 -9.21 -22.33
CA THR B 143 9.08 -8.95 -23.70
C THR B 143 8.91 -7.46 -23.92
N GLN B 144 8.82 -6.65 -22.86
CA GLN B 144 8.69 -5.23 -23.14
C GLN B 144 10.01 -4.51 -23.33
N GLY B 145 11.06 -5.25 -23.61
CA GLY B 145 12.36 -4.63 -23.81
C GLY B 145 13.11 -4.49 -22.50
N TYR B 146 12.79 -5.27 -21.49
CA TYR B 146 13.73 -5.21 -20.36
C TYR B 146 14.65 -6.40 -20.41
N GLU B 147 15.94 -6.13 -20.22
CA GLU B 147 16.99 -7.16 -20.30
C GLU B 147 16.83 -8.29 -19.24
N ASP B 148 16.41 -7.93 -18.03
CA ASP B 148 16.06 -8.95 -17.04
C ASP B 148 15.08 -8.30 -16.06
N ALA B 149 14.32 -9.12 -15.34
CA ALA B 149 13.38 -8.65 -14.33
C ALA B 149 13.21 -9.67 -13.23
N LEU B 150 12.82 -9.20 -12.04
CA LEU B 150 12.67 -10.08 -10.88
C LEU B 150 11.46 -9.68 -10.08
N VAL B 151 10.65 -10.65 -9.67
CA VAL B 151 9.31 -10.35 -9.19
C VAL B 151 9.01 -11.28 -8.04
N ASN B 152 8.65 -10.68 -6.92
CA ASN B 152 8.29 -11.46 -5.76
C ASN B 152 6.90 -11.00 -5.39
N ALA B 153 5.97 -11.94 -5.47
CA ALA B 153 4.57 -11.62 -5.38
C ALA B 153 4.01 -12.23 -4.14
N GLU B 154 4.89 -12.57 -3.21
CA GLU B 154 4.46 -13.42 -2.12
C GLU B 154 3.63 -12.77 -0.99
N GLY B 155 3.92 -11.54 -0.63
CA GLY B 155 3.29 -11.02 0.58
C GLY B 155 2.17 -10.02 0.37
N ASP B 156 2.21 -8.95 1.17
CA ASP B 156 1.27 -7.86 1.08
C ASP B 156 1.62 -6.92 -0.06
N LYS B 157 2.88 -6.91 -0.46
CA LYS B 157 3.31 -6.03 -1.48
C LYS B 157 3.84 -6.96 -2.53
N ILE B 158 3.88 -6.48 -3.78
CA ILE B 158 4.55 -7.16 -4.87
C ILE B 158 5.82 -6.36 -5.24
N ASN B 159 6.98 -6.99 -5.17
CA ASN B 159 8.21 -6.29 -5.49
C ASN B 159 8.72 -6.71 -6.79
N ILE B 160 9.12 -5.73 -7.59
CA ILE B 160 9.49 -6.03 -8.94
C ILE B 160 10.69 -5.23 -9.16
N THR B 161 11.73 -5.91 -9.62
CA THR B 161 12.98 -5.21 -9.85
C THR B 161 13.34 -5.47 -11.27
N VAL B 162 13.72 -4.39 -11.93
CA VAL B 162 13.95 -4.42 -13.36
C VAL B 162 15.35 -3.86 -13.59
N LYS B 163 16.13 -4.54 -14.42
CA LYS B 163 17.43 -4.01 -14.86
C LYS B 163 17.16 -2.86 -15.81
N SER B 164 17.74 -1.68 -15.55
CA SER B 164 17.54 -0.50 -16.41
C SER B 164 18.32 0.73 -15.94
N ASP B 165 18.85 1.49 -16.90
CA ASP B 165 19.60 2.71 -16.61
C ASP B 165 18.71 3.92 -16.51
N LYS B 166 17.81 4.04 -17.49
CA LYS B 166 16.77 5.03 -17.43
C LYS B 166 15.53 4.46 -16.69
N HIS B 167 14.96 5.26 -15.80
CA HIS B 167 13.69 4.96 -15.18
C HIS B 167 12.80 6.20 -15.29
N SER B 168 11.48 6.01 -15.34
CA SER B 168 10.54 7.14 -15.36
C SER B 168 9.14 6.74 -14.85
N LYS B 169 8.31 7.73 -14.55
CA LYS B 169 6.92 7.45 -14.21
C LYS B 169 6.19 6.71 -15.37
N SER B 170 6.48 7.14 -16.59
CA SER B 170 6.07 6.39 -17.78
C SER B 170 6.40 4.92 -17.68
N LYS B 171 7.70 4.63 -17.62
CA LYS B 171 8.20 3.25 -17.64
C LYS B 171 7.62 2.38 -16.55
N ALA B 172 7.38 2.99 -15.40
CA ALA B 172 6.97 2.24 -14.22
C ALA B 172 5.53 1.87 -14.31
N THR B 173 4.80 2.80 -14.90
CA THR B 173 3.37 2.62 -15.01
C THR B 173 3.08 1.53 -16.11
N ALA B 174 3.90 1.51 -17.15
CA ALA B 174 3.75 0.44 -18.15
C ALA B 174 4.07 -0.94 -17.52
N ILE B 175 5.03 -1.00 -16.60
CA ILE B 175 5.23 -2.25 -15.86
C ILE B 175 4.06 -2.58 -14.94
N ILE B 176 3.59 -1.62 -14.17
CA ILE B 176 2.47 -1.89 -13.25
C ILE B 176 1.24 -2.28 -14.03
N ASP B 177 1.16 -1.82 -15.27
CA ASP B 177 -0.01 -2.25 -16.10
C ASP B 177 -0.07 -3.78 -16.36
N LEU B 178 1.12 -4.43 -16.40
CA LEU B 178 1.19 -5.92 -16.56
C LEU B 178 0.58 -6.71 -15.38
N VAL B 179 0.42 -6.07 -14.22
CA VAL B 179 -0.01 -6.80 -13.02
C VAL B 179 -1.48 -6.93 -13.02
N ALA B 180 -1.98 -8.06 -12.56
CA ALA B 180 -3.44 -8.31 -12.47
C ALA B 180 -4.18 -7.22 -11.68
N LYS B 181 -5.35 -6.84 -12.14
CA LYS B 181 -6.28 -6.02 -11.35
C LYS B 181 -6.47 -6.46 -9.91
N GLU B 182 -6.72 -7.73 -9.63
CA GLU B 182 -7.12 -8.15 -8.25
C GLU B 182 -5.94 -8.06 -7.32
N ILE B 183 -4.74 -7.98 -7.92
CA ILE B 183 -3.51 -7.83 -7.18
C ILE B 183 -3.44 -6.37 -6.80
N LYS B 184 -3.47 -5.50 -7.83
CA LYS B 184 -3.38 -4.06 -7.65
C LYS B 184 -4.50 -3.55 -6.76
N THR B 185 -5.65 -4.18 -6.81
CA THR B 185 -6.75 -3.85 -5.91
C THR B 185 -6.50 -4.22 -4.48
N MET B 186 -5.69 -5.21 -4.20
CA MET B 186 -5.64 -5.74 -2.83
C MET B 186 -4.29 -5.52 -2.21
N LYS B 187 -3.29 -5.14 -3.00
CA LYS B 187 -1.93 -5.21 -2.55
C LYS B 187 -1.24 -3.98 -3.09
N ASP B 188 -0.10 -3.62 -2.50
CA ASP B 188 0.69 -2.51 -3.02
C ASP B 188 1.60 -3.20 -4.04
N VAL B 189 2.22 -2.41 -4.89
CA VAL B 189 3.06 -2.89 -5.94
C VAL B 189 4.23 -1.92 -6.01
N ALA B 190 5.45 -2.41 -5.95
CA ALA B 190 6.58 -1.51 -6.05
C ALA B 190 7.49 -1.93 -7.18
N VAL B 191 8.11 -0.99 -7.85
CA VAL B 191 8.92 -1.32 -9.01
C VAL B 191 10.17 -0.56 -8.88
N THR B 192 11.30 -1.27 -8.80
CA THR B 192 12.60 -0.63 -8.67
C THR B 192 13.40 -0.85 -9.92
N PHE B 193 14.09 0.19 -10.38
CA PHE B 193 14.95 0.12 -11.57
C PHE B 193 16.42 0.15 -11.17
N GLU B 194 17.11 -0.96 -11.35
CA GLU B 194 18.56 -1.13 -11.03
C GLU B 194 19.47 -0.78 -12.22
N PRO B 195 20.56 -0.01 -11.96
CA PRO B 195 21.63 0.22 -12.96
C PRO B 195 22.10 -1.07 -13.66
N SER B 196 22.03 -1.11 -15.00
CA SER B 196 22.34 -2.37 -15.75
C SER B 196 23.84 -2.55 -16.10
#